data_3Q3K
#
_entry.id   3Q3K
#
_cell.length_a   57.073
_cell.length_b   73.202
_cell.length_c   79.520
_cell.angle_alpha   90.00
_cell.angle_beta   90.00
_cell.angle_gamma   90.00
#
_symmetry.space_group_name_H-M   'P 21 21 21'
#
loop_
_entity.id
_entity.type
_entity.pdbx_description
1 polymer 'Activated factor Xa heavy chain'
2 polymer 'Factor X light chain'
3 non-polymer 'CALCIUM ION'
4 non-polymer N-(2-{[(5-chloro-1H-indol-2-yl)carbonyl]amino}phenyl)-5-methyl-4,5,6,7-tetrahydro[1,3]thiazolo[5,4-c]pyridine-2-carboxamide
5 water water
#
loop_
_entity_poly.entity_id
_entity_poly.type
_entity_poly.pdbx_seq_one_letter_code
_entity_poly.pdbx_strand_id
1 'polypeptide(L)'
;IVGGQECKDGECPWQALLINEENEGFCGGTILSEFYILTAAHCLYQAKRFKVRVGDRNTEQEEGGEAVHEVEVVIKHNRF
TKETYDFDIAVLRLKTPITFRMNVAPACLPERDWAESTLMTQKTGIVSGFGRTHEKGRQSTRLKMLEVPYVDRNSCKLSS
SFIITQNMFCAGYDTKQEDACQGDSGGPHVTRFKDTYFVTGIVSWGEGCARKGKYGIYTKVTAFLKWIDRSMK
;
A
2 'polypeptide(L)' TRKLCSLDNGDCDQFCHEEQNSVVCSCARGYTLADNGKACIPTGPYPCGKQTLE B
#
loop_
_chem_comp.id
_chem_comp.type
_chem_comp.name
_chem_comp.formula
CA non-polymer 'CALCIUM ION' 'Ca 2'
D90 non-polymer N-(2-{[(5-chloro-1H-indol-2-yl)carbonyl]amino}phenyl)-5-methyl-4,5,6,7-tetrahydro[1,3]thiazolo[5,4-c]pyridine-2-carboxamide 'C23 H20 Cl N5 O2 S'
#
# COMPACT_ATOMS: atom_id res chain seq x y z
N ILE A 1 -4.54 -6.62 -11.64
CA ILE A 1 -5.33 -5.39 -11.89
C ILE A 1 -6.15 -5.56 -13.18
N VAL A 2 -7.45 -5.30 -13.07
CA VAL A 2 -8.35 -5.27 -14.21
C VAL A 2 -8.44 -3.81 -14.61
N GLY A 3 -8.15 -3.52 -15.88
CA GLY A 3 -8.17 -2.15 -16.35
C GLY A 3 -6.88 -1.51 -15.87
N GLY A 4 -6.92 -0.20 -15.60
CA GLY A 4 -5.75 0.50 -15.10
C GLY A 4 -4.72 0.76 -16.18
N GLN A 5 -3.50 1.07 -15.77
CA GLN A 5 -2.44 1.38 -16.68
C GLN A 5 -1.18 0.69 -16.22
N GLU A 6 -0.21 0.53 -17.11
CA GLU A 6 1.10 0.04 -16.70
C GLU A 6 1.75 1.04 -15.77
N CYS A 7 2.48 0.57 -14.75
CA CYS A 7 3.44 1.44 -14.08
C CYS A 7 4.60 1.72 -15.02
N LYS A 8 4.81 2.98 -15.35
CA LYS A 8 5.94 3.37 -16.16
C LYS A 8 7.20 3.43 -15.30
N ASP A 9 8.36 3.58 -15.94
CA ASP A 9 9.62 3.59 -15.20
C ASP A 9 9.58 4.53 -14.00
N GLY A 10 9.86 3.97 -12.83
CA GLY A 10 9.95 4.77 -11.60
C GLY A 10 8.63 5.16 -10.95
N GLU A 11 7.49 4.74 -11.50
CA GLU A 11 6.20 5.18 -10.96
C GLU A 11 5.67 4.42 -9.74
N CYS A 12 6.08 3.18 -9.57
CA CYS A 12 5.51 2.35 -8.50
C CYS A 12 6.63 1.68 -7.70
N PRO A 13 7.57 2.47 -7.17
CA PRO A 13 8.82 1.91 -6.67
C PRO A 13 8.67 1.16 -5.35
N TRP A 14 7.56 1.34 -4.64
CA TRP A 14 7.35 0.66 -3.35
C TRP A 14 6.72 -0.73 -3.55
N GLN A 15 6.42 -1.12 -4.79
CA GLN A 15 5.85 -2.44 -5.06
C GLN A 15 6.86 -3.55 -4.80
N ALA A 16 6.44 -4.61 -4.10
CA ALA A 16 7.20 -5.84 -3.95
C ALA A 16 6.33 -7.00 -4.43
N LEU A 17 6.97 -8.12 -4.72
CA LEU A 17 6.28 -9.28 -5.22
C LEU A 17 6.78 -10.50 -4.47
N LEU A 18 5.85 -11.25 -3.89
CA LEU A 18 6.17 -12.52 -3.25
C LEU A 18 6.15 -13.58 -4.32
N ILE A 19 7.22 -14.37 -4.34
CA ILE A 19 7.39 -15.41 -5.34
C ILE A 19 7.57 -16.77 -4.67
N ASN A 20 6.93 -17.78 -5.24
CA ASN A 20 6.99 -19.11 -4.66
C ASN A 20 8.26 -19.84 -5.09
N GLU A 21 8.40 -21.10 -4.70
CA GLU A 21 9.59 -21.89 -5.03
C GLU A 21 9.81 -21.95 -6.55
N GLU A 22 8.70 -21.97 -7.29
CA GLU A 22 8.74 -22.02 -8.74
C GLU A 22 9.03 -20.66 -9.36
N ASN A 23 9.42 -19.70 -8.52
CA ASN A 23 9.70 -18.32 -8.97
C ASN A 23 8.52 -17.56 -9.59
N GLU A 24 7.30 -17.96 -9.25
CA GLU A 24 6.12 -17.29 -9.75
C GLU A 24 5.47 -16.43 -8.67
N GLY A 25 5.07 -15.22 -9.05
CA GLY A 25 4.40 -14.29 -8.14
C GLY A 25 3.04 -14.80 -7.70
N PHE A 26 2.71 -14.63 -6.42
CA PHE A 26 1.40 -15.02 -5.93
C PHE A 26 0.75 -13.95 -5.07
N CYS A 27 1.52 -12.95 -4.66
CA CYS A 27 0.99 -11.85 -3.86
C CYS A 27 1.91 -10.63 -3.99
N GLY A 28 1.38 -9.45 -3.66
CA GLY A 28 2.18 -8.24 -3.64
C GLY A 28 2.63 -7.94 -2.22
N GLY A 29 3.40 -6.87 -2.08
CA GLY A 29 3.80 -6.36 -0.78
C GLY A 29 4.17 -4.90 -0.99
N THR A 30 4.40 -4.17 0.08
CA THR A 30 4.81 -2.78 0.02
C THR A 30 6.12 -2.60 0.79
N ILE A 31 7.09 -1.93 0.18
CA ILE A 31 8.35 -1.67 0.84
C ILE A 31 8.17 -0.56 1.86
N LEU A 32 8.46 -0.86 3.12
CA LEU A 32 8.36 0.15 4.19
C LEU A 32 9.73 0.74 4.54
N SER A 33 10.78 -0.05 4.36
CA SER A 33 12.14 0.40 4.66
C SER A 33 13.10 -0.64 4.09
N GLU A 34 14.40 -0.49 4.37
CA GLU A 34 15.34 -1.41 3.75
C GLU A 34 15.18 -2.86 4.23
N PHE A 35 14.60 -3.06 5.42
CA PHE A 35 14.41 -4.45 5.95
C PHE A 35 12.99 -4.98 6.01
N TYR A 36 11.98 -4.13 5.79
CA TYR A 36 10.62 -4.53 6.08
C TYR A 36 9.65 -4.41 4.92
N ILE A 37 8.89 -5.47 4.69
CA ILE A 37 7.84 -5.50 3.70
C ILE A 37 6.50 -5.63 4.42
N LEU A 38 5.51 -4.86 3.96
CA LEU A 38 4.14 -4.97 4.46
C LEU A 38 3.39 -5.86 3.49
N THR A 39 2.67 -6.87 4.00
CA THR A 39 1.80 -7.66 3.12
C THR A 39 0.52 -8.14 3.82
N ALA A 40 -0.26 -8.98 3.15
CA ALA A 40 -1.48 -9.49 3.76
C ALA A 40 -1.19 -10.81 4.46
N ALA A 41 -1.76 -10.98 5.65
CA ALA A 41 -1.61 -12.24 6.39
C ALA A 41 -2.07 -13.44 5.56
N HIS A 42 -3.19 -13.31 4.85
CA HIS A 42 -3.68 -14.45 4.08
C HIS A 42 -2.68 -14.93 3.02
N CYS A 43 -1.78 -14.06 2.57
CA CYS A 43 -0.80 -14.45 1.58
C CYS A 43 0.18 -15.51 2.11
N LEU A 44 0.32 -15.59 3.43
CA LEU A 44 1.33 -16.46 4.04
C LEU A 44 0.96 -17.94 3.95
N TYR A 45 -0.30 -18.22 3.64
CA TYR A 45 -0.80 -19.58 3.54
C TYR A 45 -0.80 -20.12 2.12
N GLN A 46 -0.22 -19.36 1.19
CA GLN A 46 -0.31 -19.70 -0.23
C GLN A 46 1.02 -20.20 -0.79
N ALA A 47 2.05 -20.22 0.04
CA ALA A 47 3.31 -20.81 -0.33
C ALA A 47 3.95 -21.32 0.95
N LYS A 48 4.59 -22.48 0.87
CA LYS A 48 5.30 -23.01 2.03
C LYS A 48 6.53 -22.17 2.29
N ARG A 49 7.29 -21.90 1.24
CA ARG A 49 8.47 -21.06 1.34
C ARG A 49 8.43 -20.05 0.20
N PHE A 50 8.88 -18.83 0.45
CA PHE A 50 8.80 -17.78 -0.56
C PHE A 50 9.88 -16.75 -0.32
N LYS A 51 10.12 -15.95 -1.33
CA LYS A 51 11.11 -14.87 -1.26
C LYS A 51 10.42 -13.58 -1.75
N VAL A 52 11.15 -12.48 -1.74
CA VAL A 52 10.62 -11.17 -2.12
C VAL A 52 11.40 -10.62 -3.30
N ARG A 53 10.71 -10.29 -4.37
CA ARG A 53 11.37 -9.64 -5.49
C ARG A 53 11.03 -8.16 -5.48
N VAL A 54 12.05 -7.32 -5.66
CA VAL A 54 11.85 -5.86 -5.77
C VAL A 54 12.45 -5.36 -7.09
N GLY A 55 11.93 -4.24 -7.58
CA GLY A 55 12.53 -3.60 -8.73
C GLY A 55 12.05 -4.14 -10.06
N ASP A 56 11.06 -5.04 -10.03
CA ASP A 56 10.58 -5.67 -11.24
C ASP A 56 9.35 -4.98 -11.81
N ARG A 57 9.30 -4.79 -13.12
CA ARG A 57 8.10 -4.29 -13.78
C ARG A 57 7.57 -5.29 -14.81
N ASN A 58 8.46 -6.16 -15.26
CA ASN A 58 8.13 -7.09 -16.34
C ASN A 58 8.70 -8.45 -16.00
N THR A 59 7.85 -9.38 -15.57
CA THR A 59 8.34 -10.69 -15.09
C THR A 59 8.80 -11.60 -16.23
N GLU A 60 8.55 -11.20 -17.46
CA GLU A 60 9.00 -11.95 -18.63
C GLU A 60 10.50 -11.87 -18.84
N GLN A 61 11.12 -10.83 -18.30
CA GLN A 61 12.53 -10.59 -18.58
C GLN A 61 13.27 -9.84 -17.46
N GLU A 62 14.43 -10.36 -17.09
CA GLU A 62 15.29 -9.67 -16.14
C GLU A 62 15.88 -8.47 -16.86
N GLU A 63 15.63 -7.28 -16.35
CA GLU A 63 16.16 -6.07 -16.96
C GLU A 63 17.25 -5.45 -16.08
N GLY A 64 17.85 -6.27 -15.22
CA GLY A 64 19.03 -5.87 -14.47
C GLY A 64 18.77 -5.13 -13.16
N GLY A 65 17.59 -4.55 -13.02
CA GLY A 65 17.28 -3.80 -11.80
C GLY A 65 16.62 -4.62 -10.70
N GLU A 66 16.24 -5.85 -11.03
CA GLU A 66 15.55 -6.75 -10.11
C GLU A 66 16.47 -7.31 -9.01
N ALA A 67 15.93 -7.45 -7.81
CA ALA A 67 16.67 -8.13 -6.74
C ALA A 67 15.74 -9.02 -5.94
N VAL A 68 16.26 -10.17 -5.54
CA VAL A 68 15.51 -11.10 -4.70
C VAL A 68 16.06 -11.06 -3.27
N HIS A 69 15.16 -11.13 -2.30
CA HIS A 69 15.55 -11.12 -0.90
C HIS A 69 14.85 -12.24 -0.18
N GLU A 70 15.60 -12.97 0.65
CA GLU A 70 14.98 -13.98 1.50
C GLU A 70 14.37 -13.34 2.73
N VAL A 71 13.42 -14.05 3.31
CA VAL A 71 12.69 -13.58 4.47
C VAL A 71 13.32 -14.22 5.71
N GLU A 72 13.65 -13.38 6.67
CA GLU A 72 14.23 -13.82 7.91
C GLU A 72 13.13 -14.12 8.90
N VAL A 73 12.27 -13.13 9.12
CA VAL A 73 11.21 -13.21 10.12
C VAL A 73 9.88 -12.91 9.47
N VAL A 74 8.87 -13.74 9.74
CA VAL A 74 7.50 -13.43 9.36
C VAL A 74 6.74 -13.03 10.59
N ILE A 75 6.03 -11.91 10.52
CA ILE A 75 5.25 -11.44 11.65
C ILE A 75 3.83 -11.25 11.16
N LYS A 76 2.98 -12.22 11.50
CA LYS A 76 1.59 -12.25 11.10
C LYS A 76 0.74 -11.76 12.25
N HIS A 77 -0.29 -10.97 11.97
CA HIS A 77 -1.16 -10.51 13.05
C HIS A 77 -1.84 -11.73 13.73
N ASN A 78 -1.78 -11.75 15.06
CA ASN A 78 -2.24 -12.91 15.82
C ASN A 78 -3.74 -13.09 15.71
N ARG A 79 -4.45 -12.00 15.41
CA ARG A 79 -5.89 -12.05 15.34
C ARG A 79 -6.42 -12.28 13.94
N PHE A 80 -5.54 -12.55 12.97
CA PHE A 80 -6.01 -12.84 11.61
C PHE A 80 -6.97 -14.01 11.61
N THR A 81 -8.04 -13.89 10.82
CA THR A 81 -9.06 -14.92 10.77
C THR A 81 -9.36 -15.29 9.32
N LYS A 82 -9.12 -16.56 9.00
CA LYS A 82 -9.39 -17.08 7.66
C LYS A 82 -10.84 -16.87 7.29
N GLU A 83 -11.71 -16.98 8.29
CA GLU A 83 -13.14 -16.89 8.08
C GLU A 83 -13.53 -15.61 7.36
N THR A 84 -13.03 -14.49 7.86
CA THR A 84 -13.53 -13.19 7.47
C THR A 84 -12.43 -12.30 6.87
N TYR A 85 -11.19 -12.78 6.89
CA TYR A 85 -10.00 -11.97 6.57
C TYR A 85 -9.87 -10.71 7.42
N ASP A 86 -10.43 -10.72 8.62
CA ASP A 86 -10.19 -9.63 9.57
C ASP A 86 -8.73 -9.70 10.02
N PHE A 87 -8.10 -8.53 10.25
CA PHE A 87 -6.70 -8.46 10.68
C PHE A 87 -5.78 -9.07 9.62
N ASP A 88 -6.07 -8.76 8.37
CA ASP A 88 -5.32 -9.30 7.24
C ASP A 88 -4.06 -8.47 7.00
N ILE A 89 -3.04 -8.71 7.82
CA ILE A 89 -1.82 -7.92 7.77
C ILE A 89 -0.66 -8.70 8.33
N ALA A 90 0.50 -8.58 7.69
CA ALA A 90 1.72 -9.18 8.14
C ALA A 90 2.90 -8.27 7.80
N VAL A 91 3.98 -8.38 8.55
CA VAL A 91 5.21 -7.68 8.22
C VAL A 91 6.31 -8.70 8.04
N LEU A 92 7.13 -8.51 7.02
CA LEU A 92 8.26 -9.39 6.75
C LEU A 92 9.57 -8.66 6.98
N ARG A 93 10.46 -9.26 7.77
CA ARG A 93 11.79 -8.71 7.88
C ARG A 93 12.72 -9.47 6.95
N LEU A 94 13.46 -8.74 6.13
CA LEU A 94 14.31 -9.38 5.16
C LEU A 94 15.66 -9.74 5.79
N LYS A 95 16.27 -10.82 5.29
CA LYS A 95 17.60 -11.25 5.74
C LYS A 95 18.66 -10.21 5.39
N THR A 96 18.58 -9.71 4.17
CA THR A 96 19.52 -8.70 3.71
C THR A 96 18.75 -7.43 3.30
N PRO A 97 19.38 -6.24 3.46
CA PRO A 97 18.69 -4.98 3.18
C PRO A 97 18.49 -4.68 1.71
N ILE A 98 17.36 -4.04 1.41
CA ILE A 98 17.07 -3.59 0.07
C ILE A 98 17.96 -2.43 -0.29
N THR A 99 18.49 -2.42 -1.50
CA THR A 99 19.16 -1.26 -2.04
C THR A 99 18.19 -0.39 -2.83
N PHE A 100 17.96 0.83 -2.36
CA PHE A 100 17.03 1.72 -3.04
C PHE A 100 17.69 2.21 -4.31
N ARG A 101 16.88 2.37 -5.35
CA ARG A 101 17.38 2.71 -6.67
C ARG A 101 16.16 2.93 -7.53
N MET A 102 16.38 3.17 -8.82
CA MET A 102 15.29 3.32 -9.75
C MET A 102 14.32 2.17 -9.56
N ASN A 103 13.05 2.47 -9.36
CA ASN A 103 11.98 1.48 -9.15
C ASN A 103 12.04 0.71 -7.83
N VAL A 104 12.90 1.13 -6.90
CA VAL A 104 12.93 0.52 -5.58
C VAL A 104 13.07 1.61 -4.53
N ALA A 105 11.98 1.92 -3.85
CA ALA A 105 11.94 2.93 -2.81
C ALA A 105 10.74 2.67 -1.92
N PRO A 106 10.80 3.06 -0.65
CA PRO A 106 9.70 2.77 0.27
C PRO A 106 8.54 3.75 0.13
N ALA A 107 7.35 3.32 0.55
CA ALA A 107 6.22 4.25 0.68
C ALA A 107 6.28 4.79 2.12
N CYS A 108 5.74 5.98 2.35
CA CYS A 108 5.75 6.55 3.70
C CYS A 108 4.62 6.00 4.56
N LEU A 109 4.93 5.82 5.84
CA LEU A 109 3.89 5.52 6.82
C LEU A 109 3.35 6.86 7.32
N PRO A 110 2.03 7.02 7.34
CA PRO A 110 1.55 8.30 7.87
C PRO A 110 1.37 8.20 9.39
N GLU A 111 1.07 9.34 10.01
CA GLU A 111 0.53 9.35 11.36
C GLU A 111 -0.97 9.05 11.28
N ARG A 112 -1.48 8.34 12.28
CA ARG A 112 -2.88 7.86 12.27
C ARG A 112 -3.97 8.93 12.12
N ASP A 113 -4.01 9.92 13.01
CA ASP A 113 -5.09 10.91 12.98
C ASP A 113 -5.10 11.77 11.70
N TRP A 114 -3.93 12.23 11.29
CA TRP A 114 -3.81 12.96 10.03
C TRP A 114 -4.20 12.09 8.81
N ALA A 115 -3.72 10.86 8.78
CA ALA A 115 -4.12 9.92 7.74
C ALA A 115 -5.64 9.78 7.62
N GLU A 116 -6.30 9.55 8.75
CA GLU A 116 -7.74 9.39 8.72
C GLU A 116 -8.50 10.65 8.32
N SER A 117 -8.07 11.81 8.77
CA SER A 117 -8.85 13.00 8.41
C SER A 117 -8.45 13.64 7.10
N THR A 118 -7.21 13.36 6.65
CA THR A 118 -6.64 14.03 5.48
C THR A 118 -6.43 13.08 4.29
N LEU A 119 -5.82 11.92 4.50
CA LEU A 119 -5.58 11.02 3.36
C LEU A 119 -6.82 10.22 2.97
N MET A 120 -7.52 9.67 3.96
CA MET A 120 -8.61 8.80 3.58
C MET A 120 -9.88 9.57 3.23
N THR A 121 -9.80 10.90 3.29
CA THR A 121 -10.91 11.72 2.87
C THR A 121 -10.64 12.33 1.50
N GLN A 122 -9.53 11.93 0.86
CA GLN A 122 -9.25 12.37 -0.51
C GLN A 122 -10.19 11.58 -1.42
N LYS A 123 -10.31 12.00 -2.68
CA LYS A 123 -11.13 11.29 -3.65
C LYS A 123 -10.67 9.85 -3.88
N THR A 124 -9.37 9.68 -4.15
CA THR A 124 -8.88 8.40 -4.65
C THR A 124 -7.57 7.97 -4.01
N GLY A 125 -7.28 6.68 -4.07
CA GLY A 125 -5.94 6.17 -3.80
C GLY A 125 -5.47 5.36 -4.99
N ILE A 126 -4.27 4.80 -4.90
CA ILE A 126 -3.70 4.07 -6.01
C ILE A 126 -3.33 2.69 -5.54
N VAL A 127 -3.79 1.70 -6.28
CA VAL A 127 -3.46 0.31 -5.99
C VAL A 127 -2.61 -0.25 -7.14
N SER A 128 -1.74 -1.20 -6.85
CA SER A 128 -0.90 -1.71 -7.92
C SER A 128 -0.60 -3.19 -7.75
N GLY A 129 -0.19 -3.87 -8.84
CA GLY A 129 0.21 -5.27 -8.71
C GLY A 129 0.34 -6.07 -9.99
N PHE A 130 0.77 -7.32 -9.86
CA PHE A 130 0.94 -8.18 -11.01
C PHE A 130 -0.19 -9.20 -11.07
N GLY A 131 -1.34 -8.87 -10.48
CA GLY A 131 -2.44 -9.83 -10.47
C GLY A 131 -3.18 -9.97 -11.79
N ARG A 132 -4.22 -10.79 -11.74
CA ARG A 132 -5.07 -11.04 -12.90
C ARG A 132 -5.61 -9.79 -13.59
N THR A 133 -5.71 -9.87 -14.91
CA THR A 133 -6.21 -8.77 -15.72
C THR A 133 -7.70 -8.89 -15.94
N HIS A 134 -8.24 -10.05 -15.61
CA HIS A 134 -9.68 -10.29 -15.63
C HIS A 134 -9.96 -11.34 -14.58
N GLU A 135 -11.19 -11.40 -14.10
CA GLU A 135 -11.53 -12.35 -13.03
C GLU A 135 -11.03 -13.77 -13.29
N LYS A 136 -11.11 -14.21 -14.55
CA LYS A 136 -10.80 -15.60 -14.88
C LYS A 136 -9.43 -15.76 -15.55
N GLY A 137 -8.80 -14.64 -15.88
CA GLY A 137 -7.58 -14.67 -16.68
C GLY A 137 -6.33 -15.03 -15.91
N ARG A 138 -5.19 -14.79 -16.55
CA ARG A 138 -3.91 -15.04 -15.95
C ARG A 138 -3.33 -13.76 -15.36
N GLN A 139 -2.25 -13.91 -14.63
CA GLN A 139 -1.56 -12.80 -14.01
C GLN A 139 -0.83 -11.96 -15.03
N SER A 140 -0.73 -10.67 -14.75
CA SER A 140 -0.09 -9.74 -15.64
C SER A 140 1.39 -10.05 -15.60
N THR A 141 2.07 -9.93 -16.74
CA THR A 141 3.51 -10.01 -16.71
C THR A 141 4.07 -8.61 -16.52
N ARG A 142 3.21 -7.60 -16.64
CA ARG A 142 3.64 -6.25 -16.34
C ARG A 142 2.98 -5.68 -15.11
N LEU A 143 3.73 -4.86 -14.38
CA LEU A 143 3.19 -4.16 -13.21
C LEU A 143 2.20 -3.08 -13.62
N LYS A 144 0.97 -3.22 -13.13
CA LYS A 144 -0.10 -2.29 -13.41
C LYS A 144 -0.48 -1.49 -12.16
N MET A 145 -1.04 -0.30 -12.39
CA MET A 145 -1.63 0.51 -11.33
C MET A 145 -3.03 0.96 -11.71
N LEU A 146 -3.79 1.35 -10.70
CA LEU A 146 -5.18 1.76 -10.89
C LEU A 146 -5.56 2.77 -9.83
N GLU A 147 -6.12 3.89 -10.27
CA GLU A 147 -6.71 4.84 -9.33
C GLU A 147 -8.11 4.37 -8.93
N VAL A 148 -8.34 4.21 -7.62
CA VAL A 148 -9.63 3.74 -7.11
C VAL A 148 -10.25 4.73 -6.11
N PRO A 149 -11.54 5.06 -6.31
CA PRO A 149 -12.24 5.98 -5.42
C PRO A 149 -12.43 5.33 -4.04
N TYR A 150 -12.25 6.12 -2.99
CA TYR A 150 -12.68 5.68 -1.66
C TYR A 150 -14.20 5.57 -1.68
N VAL A 151 -14.70 4.51 -1.05
CA VAL A 151 -16.13 4.27 -1.01
C VAL A 151 -16.67 4.45 0.40
N ASP A 152 -17.76 5.20 0.51
CA ASP A 152 -18.55 5.36 1.74
C ASP A 152 -18.72 4.03 2.51
N ARG A 153 -18.50 4.05 3.82
CA ARG A 153 -18.58 2.82 4.63
C ARG A 153 -19.95 2.15 4.50
N ASN A 154 -21.00 2.96 4.51
CA ASN A 154 -22.37 2.46 4.47
C ASN A 154 -22.68 1.78 3.14
N SER A 155 -22.43 2.51 2.05
CA SER A 155 -22.59 1.93 0.73
C SER A 155 -21.88 0.59 0.66
N CYS A 156 -20.69 0.51 1.25
CA CYS A 156 -19.94 -0.71 1.13
C CYS A 156 -20.47 -1.84 2.00
N LYS A 157 -21.00 -1.50 3.17
CA LYS A 157 -21.69 -2.50 3.96
C LYS A 157 -22.84 -3.12 3.15
N LEU A 158 -23.65 -2.29 2.53
CA LEU A 158 -24.82 -2.79 1.78
C LEU A 158 -24.42 -3.62 0.57
N SER A 159 -23.28 -3.30 -0.05
CA SER A 159 -22.88 -3.98 -1.27
C SER A 159 -22.38 -5.38 -0.99
N SER A 160 -21.99 -5.63 0.25
CA SER A 160 -21.17 -6.80 0.57
C SER A 160 -21.92 -7.99 1.19
N SER A 161 -21.63 -9.19 0.67
CA SER A 161 -22.24 -10.43 1.16
C SER A 161 -21.45 -10.96 2.35
N PHE A 162 -20.40 -10.27 2.71
CA PHE A 162 -19.58 -10.68 3.84
C PHE A 162 -19.41 -9.50 4.75
N ILE A 163 -19.06 -9.75 6.01
CA ILE A 163 -18.95 -8.68 6.97
C ILE A 163 -17.73 -7.81 6.69
N ILE A 164 -17.94 -6.49 6.73
CA ILE A 164 -16.91 -5.48 6.60
C ILE A 164 -16.60 -4.97 8.00
N THR A 165 -15.49 -5.39 8.57
CA THR A 165 -15.14 -4.99 9.93
C THR A 165 -14.57 -3.56 9.90
N GLN A 166 -14.28 -3.01 11.07
CA GLN A 166 -13.66 -1.67 11.12
C GLN A 166 -12.19 -1.71 10.75
N ASN A 167 -11.65 -2.91 10.55
CA ASN A 167 -10.27 -3.06 10.09
C ASN A 167 -10.17 -3.02 8.56
N MET A 168 -11.29 -2.76 7.90
CA MET A 168 -11.36 -2.78 6.45
C MET A 168 -11.92 -1.48 5.94
N PHE A 169 -11.59 -1.12 4.70
CA PHE A 169 -12.29 -0.05 4.02
C PHE A 169 -12.50 -0.48 2.58
N CYS A 170 -13.39 0.20 1.89
CA CYS A 170 -13.71 -0.18 0.53
C CYS A 170 -13.23 0.86 -0.45
N ALA A 171 -12.78 0.40 -1.61
CA ALA A 171 -12.41 1.32 -2.67
C ALA A 171 -12.73 0.67 -3.99
N GLY A 172 -13.04 1.49 -5.00
CA GLY A 172 -13.29 0.95 -6.31
C GLY A 172 -14.51 1.53 -6.97
N TYR A 173 -14.98 0.87 -8.01
CA TYR A 173 -16.11 1.38 -8.79
C TYR A 173 -17.32 0.47 -8.70
N ASP A 174 -18.48 1.11 -8.78
CA ASP A 174 -19.76 0.40 -8.73
C ASP A 174 -19.87 -0.55 -9.90
N THR A 175 -19.86 0.00 -11.12
CA THR A 175 -20.05 -0.80 -12.33
C THR A 175 -18.84 -0.81 -13.27
N LYS A 176 -18.15 0.31 -13.36
CA LYS A 176 -16.94 0.42 -14.18
C LYS A 176 -16.03 -0.79 -13.97
N GLN A 177 -15.52 -1.33 -15.09
CA GLN A 177 -14.78 -2.59 -15.06
C GLN A 177 -13.31 -2.40 -14.71
N GLU A 178 -13.04 -1.94 -13.48
CA GLU A 178 -11.69 -1.71 -13.02
C GLU A 178 -11.61 -2.07 -11.54
N ASP A 179 -10.53 -2.72 -11.15
CA ASP A 179 -10.44 -3.30 -9.81
C ASP A 179 -9.11 -4.04 -9.65
N ALA A 180 -8.75 -4.33 -8.41
CA ALA A 180 -7.67 -5.25 -8.13
C ALA A 180 -8.24 -6.61 -8.39
N CYS A 181 -7.41 -7.63 -8.33
CA CYS A 181 -7.88 -8.97 -8.54
C CYS A 181 -6.91 -9.96 -7.90
N GLN A 182 -7.18 -11.25 -8.09
CA GLN A 182 -6.33 -12.27 -7.51
C GLN A 182 -4.86 -12.09 -7.94
N GLY A 183 -3.93 -12.20 -6.99
CA GLY A 183 -2.54 -11.96 -7.26
C GLY A 183 -2.12 -10.55 -6.90
N ASP A 184 -3.06 -9.62 -6.83
CA ASP A 184 -2.72 -8.26 -6.37
C ASP A 184 -2.65 -8.25 -4.84
N SER A 185 -3.27 -9.26 -4.23
CA SER A 185 -3.40 -9.35 -2.79
C SER A 185 -2.09 -9.15 -2.08
N GLY A 186 -2.13 -8.39 -0.98
CA GLY A 186 -0.91 -8.11 -0.22
C GLY A 186 -0.26 -6.80 -0.62
N GLY A 187 -0.61 -6.30 -1.81
CA GLY A 187 0.11 -5.16 -2.36
C GLY A 187 -0.33 -3.80 -1.83
N PRO A 188 0.28 -2.73 -2.36
CA PRO A 188 0.04 -1.40 -1.83
C PRO A 188 -1.29 -0.78 -2.29
N HIS A 189 -1.98 -0.16 -1.34
CA HIS A 189 -2.92 0.91 -1.64
C HIS A 189 -2.26 2.17 -1.07
N VAL A 190 -1.90 3.13 -1.91
CA VAL A 190 -1.26 4.34 -1.44
C VAL A 190 -2.10 5.57 -1.79
N THR A 191 -1.99 6.61 -1.00
CA THR A 191 -2.73 7.84 -1.24
C THR A 191 -1.72 8.94 -1.43
N ARG A 192 -1.86 9.65 -2.53
CA ARG A 192 -0.96 10.76 -2.83
C ARG A 192 -1.36 12.01 -2.05
N PHE A 193 -0.39 12.66 -1.42
CA PHE A 193 -0.62 13.98 -0.85
C PHE A 193 0.52 14.92 -1.22
N LYS A 194 0.22 16.01 -1.93
CA LYS A 194 1.28 16.87 -2.49
C LYS A 194 2.48 16.11 -3.07
N ASP A 195 2.27 15.26 -4.05
CA ASP A 195 3.44 14.57 -4.62
C ASP A 195 4.21 13.65 -3.67
N THR A 196 3.64 13.35 -2.50
CA THR A 196 4.24 12.33 -1.65
C THR A 196 3.22 11.22 -1.43
N TYR A 197 3.69 9.97 -1.53
CA TYR A 197 2.78 8.83 -1.43
C TYR A 197 2.88 8.15 -0.07
N PHE A 198 1.74 8.01 0.60
CA PHE A 198 1.66 7.35 1.91
C PHE A 198 0.87 6.05 1.79
N VAL A 199 1.33 5.01 2.47
CA VAL A 199 0.58 3.76 2.44
C VAL A 199 -0.73 3.88 3.26
N THR A 200 -1.84 3.49 2.66
CA THR A 200 -3.12 3.65 3.33
C THR A 200 -3.89 2.34 3.42
N GLY A 201 -3.51 1.35 2.60
CA GLY A 201 -4.23 0.10 2.58
C GLY A 201 -3.37 -1.07 2.13
N ILE A 202 -3.85 -2.26 2.40
CA ILE A 202 -3.26 -3.48 1.86
C ILE A 202 -4.37 -4.13 1.04
N VAL A 203 -4.06 -4.50 -0.20
CA VAL A 203 -5.03 -5.20 -1.02
C VAL A 203 -5.48 -6.48 -0.31
N SER A 204 -6.75 -6.55 0.05
CA SER A 204 -7.16 -7.72 0.83
C SER A 204 -8.07 -8.71 0.08
N TRP A 205 -9.28 -8.30 -0.26
CA TRP A 205 -10.15 -9.24 -0.98
C TRP A 205 -11.27 -8.54 -1.75
N GLY A 206 -11.95 -9.34 -2.57
CA GLY A 206 -13.13 -8.87 -3.30
C GLY A 206 -13.92 -10.06 -3.76
N GLU A 207 -15.21 -9.84 -4.03
CA GLU A 207 -16.07 -10.91 -4.56
C GLU A 207 -15.87 -10.95 -6.07
N GLY A 208 -15.10 -11.91 -6.53
CA GLY A 208 -14.58 -11.87 -7.90
C GLY A 208 -13.75 -10.60 -8.09
N CYS A 209 -13.66 -10.13 -9.33
CA CYS A 209 -12.96 -8.88 -9.61
C CYS A 209 -13.80 -8.02 -10.52
N ALA A 210 -13.93 -6.75 -10.17
CA ALA A 210 -14.61 -5.78 -11.01
C ALA A 210 -16.08 -6.06 -11.25
N ARG A 211 -16.73 -6.81 -10.37
CA ARG A 211 -18.16 -7.10 -10.56
C ARG A 211 -19.02 -5.87 -10.27
N LYS A 212 -20.17 -5.78 -10.91
CA LYS A 212 -21.04 -4.62 -10.75
C LYS A 212 -21.62 -4.58 -9.33
N GLY A 213 -21.72 -3.39 -8.75
CA GLY A 213 -22.20 -3.24 -7.39
C GLY A 213 -21.32 -3.89 -6.35
N LYS A 214 -20.09 -4.23 -6.72
CA LYS A 214 -19.12 -4.76 -5.77
C LYS A 214 -17.86 -3.89 -5.69
N TYR A 215 -17.16 -3.93 -4.56
CA TYR A 215 -16.00 -3.07 -4.38
C TYR A 215 -14.80 -3.88 -3.94
N GLY A 216 -13.61 -3.27 -3.96
CA GLY A 216 -12.44 -3.95 -3.44
C GLY A 216 -12.34 -3.70 -1.96
N ILE A 217 -11.86 -4.70 -1.21
CA ILE A 217 -11.80 -4.58 0.25
C ILE A 217 -10.33 -4.56 0.67
N TYR A 218 -9.96 -3.52 1.42
CA TYR A 218 -8.57 -3.29 1.78
C TYR A 218 -8.39 -3.28 3.26
N THR A 219 -7.25 -3.77 3.75
CA THR A 219 -6.98 -3.67 5.17
C THR A 219 -6.70 -2.19 5.47
N LYS A 220 -7.31 -1.68 6.52
CA LYS A 220 -7.12 -0.29 6.89
C LYS A 220 -5.83 -0.11 7.68
N VAL A 221 -4.80 0.39 7.00
CA VAL A 221 -3.49 0.53 7.59
C VAL A 221 -3.49 1.40 8.87
N THR A 222 -4.28 2.47 8.88
CA THR A 222 -4.31 3.36 10.07
C THR A 222 -4.69 2.66 11.38
N ALA A 223 -5.52 1.63 11.31
CA ALA A 223 -5.86 0.81 12.48
C ALA A 223 -4.66 0.02 13.04
N PHE A 224 -3.59 -0.11 12.25
CA PHE A 224 -2.46 -0.95 12.63
C PHE A 224 -1.10 -0.22 12.74
N LEU A 225 -1.12 1.10 12.72
CA LEU A 225 0.13 1.83 12.71
C LEU A 225 1.00 1.51 13.92
N LYS A 226 0.40 1.42 15.11
CA LYS A 226 1.18 1.09 16.29
C LYS A 226 1.71 -0.33 16.21
N TRP A 227 0.86 -1.26 15.78
CA TRP A 227 1.28 -2.65 15.60
C TRP A 227 2.47 -2.73 14.62
N ILE A 228 2.40 -1.98 13.52
CA ILE A 228 3.47 -1.99 12.54
C ILE A 228 4.75 -1.44 13.17
N ASP A 229 4.61 -0.37 13.92
CA ASP A 229 5.75 0.29 14.51
C ASP A 229 6.41 -0.68 15.50
N ARG A 230 5.59 -1.36 16.29
CA ARG A 230 6.10 -2.33 17.23
C ARG A 230 6.79 -3.46 16.48
N SER A 231 6.15 -3.98 15.43
CA SER A 231 6.68 -5.08 14.65
C SER A 231 8.02 -4.76 13.99
N MET A 232 8.25 -3.48 13.68
CA MET A 232 9.49 -3.09 13.02
C MET A 232 10.53 -2.84 14.11
N LYS A 233 10.07 -2.94 15.35
CA LYS A 233 10.89 -2.71 16.54
C LYS A 233 11.40 -1.28 16.59
N ARG B 2 -13.41 26.69 8.03
CA ARG B 2 -12.22 25.87 8.30
C ARG B 2 -11.11 26.72 8.87
N LYS B 3 -10.35 26.17 9.80
CA LYS B 3 -9.24 26.88 10.39
C LYS B 3 -8.18 25.86 10.74
N LEU B 4 -6.98 26.36 11.02
CA LEU B 4 -5.86 25.54 11.43
C LEU B 4 -5.65 24.43 10.41
N CYS B 5 -5.55 23.18 10.86
CA CYS B 5 -5.23 22.07 9.95
C CYS B 5 -6.31 21.80 8.91
N SER B 6 -7.53 22.27 9.15
CA SER B 6 -8.61 22.02 8.21
C SER B 6 -8.53 23.01 7.05
N LEU B 7 -7.69 24.03 7.20
CA LEU B 7 -7.51 25.04 6.18
C LEU B 7 -6.23 24.73 5.37
N ASP B 8 -6.39 24.03 4.26
CA ASP B 8 -5.26 23.68 3.39
C ASP B 8 -4.13 23.01 4.15
N ASN B 9 -4.47 22.08 5.04
CA ASN B 9 -3.48 21.34 5.79
C ASN B 9 -2.54 22.21 6.65
N GLY B 10 -3.01 23.38 7.09
CA GLY B 10 -2.21 24.28 7.92
C GLY B 10 -1.00 24.81 7.16
N ASP B 11 -1.03 24.70 5.82
CA ASP B 11 0.14 25.05 4.97
C ASP B 11 1.29 24.05 5.16
N CYS B 12 1.08 22.97 5.90
CA CYS B 12 2.16 21.98 6.09
C CYS B 12 2.35 21.15 4.84
N ASP B 13 3.58 20.71 4.58
CA ASP B 13 3.82 19.77 3.47
C ASP B 13 3.21 18.38 3.77
N GLN B 14 3.35 17.95 5.01
CA GLN B 14 2.94 16.60 5.38
C GLN B 14 1.99 16.65 6.61
N PHE B 15 2.39 16.09 7.75
CA PHE B 15 1.47 16.01 8.89
C PHE B 15 1.18 17.37 9.50
N CYS B 16 -0.06 17.56 9.92
CA CYS B 16 -0.51 18.78 10.57
C CYS B 16 -1.24 18.35 11.84
N HIS B 17 -0.85 18.95 12.97
CA HIS B 17 -1.53 18.76 14.26
C HIS B 17 -1.92 20.12 14.79
N GLU B 18 -3.00 20.16 15.57
CA GLU B 18 -3.38 21.38 16.25
C GLU B 18 -2.99 21.25 17.71
N GLU B 19 -2.02 22.07 18.13
CA GLU B 19 -1.60 22.11 19.52
C GLU B 19 -1.99 23.47 20.07
N GLN B 20 -2.58 23.49 21.25
CA GLN B 20 -3.20 24.73 21.71
C GLN B 20 -4.04 25.17 20.52
N ASN B 21 -4.10 26.47 20.29
CA ASN B 21 -4.87 26.96 19.16
C ASN B 21 -3.92 27.37 18.01
N SER B 22 -3.00 26.48 17.65
CA SER B 22 -2.09 26.73 16.53
C SER B 22 -1.57 25.48 15.81
N VAL B 23 -1.23 25.66 14.54
CA VAL B 23 -0.71 24.60 13.67
C VAL B 23 0.71 24.17 14.00
N VAL B 24 0.92 22.87 14.11
CA VAL B 24 2.26 22.32 14.21
C VAL B 24 2.43 21.31 13.06
N CYS B 25 3.39 21.57 12.18
CA CYS B 25 3.68 20.67 11.07
C CYS B 25 4.74 19.67 11.48
N SER B 26 4.71 18.47 10.92
CA SER B 26 5.85 17.56 11.03
C SER B 26 5.94 16.69 9.77
N CYS B 27 6.92 15.81 9.72
CA CYS B 27 7.27 15.11 8.49
C CYS B 27 7.47 13.62 8.74
N ALA B 28 7.34 12.83 7.67
CA ALA B 28 7.63 11.40 7.72
C ALA B 28 9.10 11.17 7.98
N ARG B 29 9.44 9.95 8.43
CA ARG B 29 10.85 9.59 8.61
C ARG B 29 11.60 9.76 7.32
N GLY B 30 12.80 10.32 7.39
CA GLY B 30 13.60 10.51 6.18
C GLY B 30 13.50 11.94 5.68
N TYR B 31 12.61 12.71 6.30
CA TYR B 31 12.51 14.13 6.00
C TYR B 31 12.83 14.93 7.26
N THR B 32 13.29 16.16 7.10
CA THR B 32 13.36 17.07 8.24
C THR B 32 12.49 18.26 7.93
N LEU B 33 11.96 18.86 8.99
CA LEU B 33 11.21 20.09 8.90
C LEU B 33 12.13 21.25 8.53
N ALA B 34 11.75 22.03 7.54
CA ALA B 34 12.54 23.20 7.12
C ALA B 34 12.47 24.35 8.13
N ASP B 35 13.30 25.37 7.94
CA ASP B 35 13.33 26.54 8.84
C ASP B 35 12.01 27.25 9.00
N ASN B 36 11.20 27.28 7.95
CA ASN B 36 9.90 27.91 8.01
C ASN B 36 8.88 27.09 8.77
N GLY B 37 9.29 25.92 9.25
CA GLY B 37 8.43 25.09 10.08
C GLY B 37 7.27 24.45 9.35
N LYS B 38 7.35 24.37 8.03
CA LYS B 38 6.21 23.88 7.26
C LYS B 38 6.59 22.87 6.18
N ALA B 39 7.70 23.13 5.48
CA ALA B 39 8.10 22.28 4.39
C ALA B 39 8.89 21.08 4.92
N CYS B 40 8.84 19.98 4.20
CA CYS B 40 9.63 18.81 4.57
C CYS B 40 10.71 18.58 3.52
N ILE B 41 11.96 18.52 3.98
CA ILE B 41 13.11 18.37 3.12
C ILE B 41 13.63 16.96 3.27
N PRO B 42 13.74 16.21 2.16
CA PRO B 42 14.25 14.86 2.20
C PRO B 42 15.70 14.85 2.66
N THR B 43 16.09 13.92 3.53
CA THR B 43 17.44 13.93 4.07
C THR B 43 18.43 13.11 3.23
N GLY B 44 17.92 12.30 2.30
CA GLY B 44 18.78 11.45 1.51
C GLY B 44 18.22 11.21 0.12
N PRO B 45 18.87 10.32 -0.64
CA PRO B 45 18.19 9.96 -1.86
C PRO B 45 17.13 8.92 -1.50
N TYR B 46 16.22 8.70 -2.42
CA TYR B 46 15.16 7.73 -2.19
C TYR B 46 14.45 7.92 -0.82
N PRO B 47 13.97 9.14 -0.55
CA PRO B 47 13.09 9.33 0.60
C PRO B 47 11.79 8.56 0.36
N CYS B 48 11.10 8.21 1.43
CA CYS B 48 9.84 7.51 1.26
C CYS B 48 8.86 8.34 0.45
N GLY B 49 8.02 7.67 -0.32
CA GLY B 49 6.85 8.33 -0.90
C GLY B 49 7.12 9.11 -2.17
N LYS B 50 8.34 9.07 -2.70
CA LYS B 50 8.65 9.75 -3.96
C LYS B 50 8.88 8.75 -5.08
N GLN B 51 8.22 8.98 -6.21
CA GLN B 51 8.52 8.21 -7.40
C GLN B 51 9.98 8.45 -7.77
N THR B 52 10.65 7.43 -8.29
CA THR B 52 12.10 7.54 -8.55
C THR B 52 12.44 8.16 -9.91
N LEU B 53 13.38 9.10 -9.88
CA LEU B 53 13.86 9.71 -11.12
C LEU B 53 15.32 9.37 -11.34
CA CA C . -17.51 -2.93 -8.88
CA CA D . 11.87 -8.13 -14.94
C1 D90 E . -9.85 -10.68 -5.28
N1 D90 E . -10.60 -9.75 -5.89
O1 D90 E . -9.01 -12.76 -5.49
CL1 D90 E . -8.76 -5.02 -3.15
C2 D90 E . -9.98 -12.03 -5.61
C3 D90 E . -8.97 -10.13 -4.29
C4 D90 E . -9.27 -8.76 -4.37
C5 D90 E . -10.29 -8.52 -5.36
C6 D90 E . -8.78 -7.63 -3.68
C7 D90 E . -10.79 -7.26 -5.68
C8 D90 E . -10.30 -6.16 -4.99
C9 D90 E . -9.31 -6.40 -3.99
C10 D90 E . -12.36 -15.96 -7.78
C11 D90 E . -12.56 -15.80 -6.42
C13 D90 E . -11.77 -14.95 -8.54
C15 D90 E . -11.40 -13.76 -7.94
CC1 D90 E . -13.55 -14.21 -3.87
OC1 D90 E . -14.65 -14.07 -4.37
CP1 D90 E . -11.59 -13.58 -6.57
NP1 D90 E . -11.22 -12.41 -6.00
CP2 D90 E . -12.18 -14.61 -5.82
NP2 D90 E . -12.39 -14.46 -4.49
CZ1 D90 E . -13.52 -14.05 -2.36
NZ1 D90 E . -12.46 -14.16 -1.54
SZ1 D90 E . -14.98 -13.64 -1.53
CZ2 D90 E . -14.12 -13.63 -0.01
NZ2 D90 E . -13.90 -13.54 2.41
CZ3 D90 E . -14.77 -13.33 1.30
CZ4 D90 E . -12.47 -13.62 2.33
CZ5 D90 E . -11.83 -13.98 0.98
CZ6 D90 E . -12.82 -13.91 -0.14
CZ7 D90 E . -14.44 -13.11 3.70
#